data_5MBR
#
_entry.id   5MBR
#
_entity_poly.entity_id   1
_entity_poly.type   'polydeoxyribonucleotide'
_entity_poly.pdbx_seq_one_letter_code
;(DT)(DT)(GF2)(DG)(DG)(DT)(DT)(DA)(GF2)(DG)(DG)(DT)(DT)(DA)(DG)(DG)(DG)(DT)(DT)
(DA)(GF2)(DG)(DG)(DA)
;
_entity_poly.pdbx_strand_id   A
#